data_3S6B
#
_entry.id   3S6B
#
_cell.length_a   58.868
_cell.length_b   52.581
_cell.length_c   63.506
_cell.angle_alpha   90.000
_cell.angle_beta   116.670
_cell.angle_gamma   90.000
#
_symmetry.space_group_name_H-M   'P 1 21 1'
#
loop_
_entity.id
_entity.type
_entity.pdbx_description
1 polymer 'Methionine aminopeptidase'
2 non-polymer GLYCEROL
3 non-polymer 'FE (III) ION'
4 water water
#
_entity_poly.entity_id   1
_entity_poly.type   'polypeptide(L)'
_entity_poly.pdbx_seq_one_letter_code
;MHHHHHHSSGRENLYFQGEKEDHLKTIVKKHLSPENFDPTNRKYWVYDDHLKNFVNFKFTGDVRPWPLSKINHVPSHIER
PDYAISSIPESELIYKRKSDIYVNNEEEIQRIREACILGRKTLDYAHTLVSPGVTTDEIDRKVHEFIIKNNAYPSTLNYY
KFPKSCCTSVNEIVCHGIPDYRPLKSGDIINIDISVFYKGVHSDLNETYFVGDINDVPKEGKELVETCYFSLMEAIKKCK
PGMFYKNIGTLIDAYVSKKNFSVVRSYSGHGVGKLFHSNPTVPHFKKNKAVGIMKPGHVFTIEPMINQGHYSDVLWPDQW
TSATSDGKLSAQFEHTLLITNNGVEILTKRTQDSPPLGFDTKDELYYN
;
_entity_poly.pdbx_strand_id   A
#
loop_
_chem_comp.id
_chem_comp.type
_chem_comp.name
_chem_comp.formula
FE non-polymer 'FE (III) ION' 'Fe 3'
GOL non-polymer GLYCEROL 'C3 H8 O3'
#
# COMPACT_ATOMS: atom_id res chain seq x y z
N HIS A 23 6.12 36.18 8.12
CA HIS A 23 6.67 35.93 6.75
C HIS A 23 6.26 34.52 6.33
N LEU A 24 6.68 33.53 7.12
CA LEU A 24 6.43 32.12 6.82
C LEU A 24 4.94 31.80 6.89
N LYS A 25 4.27 32.27 7.95
CA LYS A 25 2.83 32.09 8.15
C LYS A 25 1.93 32.61 7.01
N THR A 26 2.27 33.77 6.45
CA THR A 26 1.45 34.41 5.40
C THR A 26 1.51 33.62 4.11
N ILE A 27 2.72 33.22 3.74
CA ILE A 27 2.96 32.44 2.53
C ILE A 27 2.19 31.12 2.54
N VAL A 28 2.28 30.39 3.65
CA VAL A 28 1.49 29.17 3.84
C VAL A 28 0.02 29.45 3.63
N LYS A 29 -0.51 30.45 4.34
CA LYS A 29 -1.91 30.87 4.26
C LYS A 29 -2.37 31.25 2.85
N LYS A 30 -1.59 32.09 2.17
CA LYS A 30 -1.92 32.56 0.81
C LYS A 30 -1.58 31.57 -0.33
N HIS A 31 -0.56 30.74 -0.15
CA HIS A 31 -0.09 29.96 -1.30
C HIS A 31 -0.02 28.45 -1.11
N LEU A 32 0.04 27.97 0.13
CA LEU A 32 0.19 26.52 0.37
C LEU A 32 -1.00 25.88 1.12
N SER A 33 -2.17 26.49 1.00
CA SER A 33 -3.38 25.94 1.60
C SER A 33 -4.17 25.08 0.61
N PRO A 34 -5.05 24.19 1.15
CA PRO A 34 -5.84 23.32 0.27
C PRO A 34 -6.60 24.07 -0.82
N GLU A 35 -7.09 25.27 -0.49
CA GLU A 35 -7.99 25.96 -1.41
C GLU A 35 -7.28 26.88 -2.42
N ASN A 36 -5.98 27.10 -2.23
CA ASN A 36 -5.27 28.07 -3.07
C ASN A 36 -3.92 27.60 -3.62
N PHE A 37 -3.49 26.40 -3.26
CA PHE A 37 -2.24 25.85 -3.79
C PHE A 37 -2.30 25.67 -5.31
N ASP A 38 -1.24 26.10 -6.00
CA ASP A 38 -1.12 25.95 -7.45
C ASP A 38 -0.07 24.89 -7.78
N PRO A 39 -0.52 23.71 -8.24
CA PRO A 39 0.43 22.63 -8.57
C PRO A 39 1.28 22.86 -9.84
N THR A 40 0.96 23.89 -10.63
CA THR A 40 1.77 24.17 -11.80
C THR A 40 2.63 25.43 -11.62
N ASN A 41 2.92 25.81 -10.38
CA ASN A 41 3.82 26.94 -10.08
C ASN A 41 4.74 26.66 -8.91
N ARG A 42 6.06 26.58 -9.17
CA ARG A 42 6.99 26.09 -8.16
C ARG A 42 7.54 27.18 -7.25
N LYS A 43 7.11 28.41 -7.50
CA LYS A 43 7.63 29.57 -6.80
C LYS A 43 7.67 29.37 -5.28
N TYR A 44 6.55 28.96 -4.69
CA TYR A 44 6.50 28.91 -3.24
C TYR A 44 6.89 27.57 -2.64
N TRP A 45 7.27 26.60 -3.48
CA TRP A 45 7.63 25.24 -3.02
C TRP A 45 8.79 25.22 -2.02
N VAL A 46 9.71 26.18 -2.16
CA VAL A 46 10.90 26.28 -1.32
C VAL A 46 10.56 26.52 0.15
N TYR A 47 9.33 27.01 0.42
CA TYR A 47 8.86 27.29 1.78
C TYR A 47 8.10 26.14 2.43
N ASP A 48 7.94 25.05 1.71
CA ASP A 48 7.22 23.90 2.24
C ASP A 48 8.20 22.74 2.37
N ASP A 49 8.22 22.11 3.54
N ASP A 49 8.21 22.11 3.55
CA ASP A 49 9.19 21.04 3.81
CA ASP A 49 9.14 21.03 3.86
C ASP A 49 9.02 19.78 2.96
C ASP A 49 9.02 19.80 2.94
N HIS A 50 7.84 19.61 2.35
CA HIS A 50 7.60 18.47 1.43
C HIS A 50 7.95 18.93 0.01
N LEU A 51 7.39 20.06 -0.41
CA LEU A 51 7.54 20.48 -1.81
C LEU A 51 8.92 21.00 -2.20
N LYS A 52 9.73 21.36 -1.20
CA LYS A 52 11.02 21.97 -1.51
C LYS A 52 11.94 20.98 -2.19
N ASN A 53 11.75 19.67 -1.94
CA ASN A 53 12.56 18.63 -2.60
C ASN A 53 12.34 18.55 -4.12
N PHE A 54 11.21 19.07 -4.60
CA PHE A 54 10.76 18.93 -5.99
C PHE A 54 11.13 20.08 -6.91
N VAL A 55 11.79 21.09 -6.38
CA VAL A 55 12.04 22.32 -7.14
C VAL A 55 12.68 22.09 -8.52
N ASN A 56 13.61 21.14 -8.60
CA ASN A 56 14.27 20.83 -9.90
C ASN A 56 13.84 19.52 -10.55
N PHE A 57 12.82 18.87 -9.99
CA PHE A 57 12.38 17.53 -10.41
C PHE A 57 11.52 17.55 -11.69
N LYS A 58 11.79 16.60 -12.57
CA LYS A 58 11.05 16.43 -13.80
C LYS A 58 10.08 15.27 -13.55
N PHE A 59 8.78 15.58 -13.51
CA PHE A 59 7.74 14.56 -13.22
C PHE A 59 7.48 13.69 -14.43
N THR A 60 7.10 12.43 -14.22
CA THR A 60 6.86 11.51 -15.34
C THR A 60 5.45 11.53 -15.91
N GLY A 61 4.53 12.06 -15.12
CA GLY A 61 3.12 12.11 -15.49
C GLY A 61 2.46 13.37 -14.98
N ASP A 62 1.11 13.33 -14.83
CA ASP A 62 0.29 14.51 -14.51
C ASP A 62 0.14 14.73 -13.02
N VAL A 63 0.23 13.66 -12.23
CA VAL A 63 0.15 13.79 -10.77
C VAL A 63 1.29 14.68 -10.24
N ARG A 64 0.92 15.64 -9.39
CA ARG A 64 1.89 16.49 -8.71
C ARG A 64 1.73 16.33 -7.18
N PRO A 65 2.81 16.57 -6.41
CA PRO A 65 2.64 16.59 -4.96
C PRO A 65 1.99 17.90 -4.53
N TRP A 66 1.20 17.83 -3.47
CA TRP A 66 0.59 19.02 -2.85
C TRP A 66 1.09 19.07 -1.42
N PRO A 67 0.91 20.22 -0.73
CA PRO A 67 1.38 20.31 0.65
C PRO A 67 0.70 19.29 1.54
N LEU A 68 1.37 18.94 2.62
CA LEU A 68 0.84 17.99 3.60
C LEU A 68 0.26 18.75 4.80
N SER A 69 -0.60 18.09 5.56
CA SER A 69 -1.04 18.61 6.84
C SER A 69 -0.11 18.14 7.95
N LYS A 70 -0.28 18.74 9.13
N LYS A 70 -0.26 18.72 9.15
CA LYS A 70 0.56 18.50 10.29
CA LYS A 70 0.63 18.41 10.25
C LYS A 70 0.32 17.08 10.83
C LYS A 70 0.45 16.96 10.72
N ILE A 71 1.34 16.48 11.42
N ILE A 71 1.39 16.48 11.52
CA ILE A 71 1.23 15.08 11.84
CA ILE A 71 1.28 15.10 12.03
C ILE A 71 0.05 14.91 12.80
C ILE A 71 -0.02 14.96 12.80
N ASN A 72 -0.68 13.82 12.63
CA ASN A 72 -1.87 13.54 13.43
C ASN A 72 -1.48 12.89 14.75
N HIS A 73 -2.21 13.24 15.81
CA HIS A 73 -1.86 12.81 17.17
C HIS A 73 -2.29 11.34 17.45
N VAL A 74 -1.50 10.64 18.24
CA VAL A 74 -1.87 9.31 18.70
C VAL A 74 -2.07 9.37 20.22
N PRO A 75 -3.29 9.12 20.72
CA PRO A 75 -3.51 9.07 22.20
C PRO A 75 -2.54 8.15 22.94
N SER A 76 -2.25 8.47 24.19
CA SER A 76 -1.16 7.85 24.91
C SER A 76 -1.43 6.44 25.38
N HIS A 77 -2.69 6.03 25.44
CA HIS A 77 -3.02 4.64 25.89
C HIS A 77 -2.78 3.58 24.81
N ILE A 78 -2.57 4.00 23.58
CA ILE A 78 -2.40 3.05 22.46
C ILE A 78 -0.99 2.48 22.45
N GLU A 79 -0.88 1.13 22.33
CA GLU A 79 0.42 0.48 22.28
C GLU A 79 1.09 0.84 20.97
N ARG A 80 2.36 1.22 21.05
CA ARG A 80 3.07 1.67 19.86
C ARG A 80 4.13 0.64 19.45
N PRO A 81 4.45 0.56 18.17
CA PRO A 81 5.59 -0.27 17.76
C PRO A 81 6.91 0.40 18.09
N ASP A 82 8.01 -0.35 17.99
CA ASP A 82 9.29 0.15 18.47
C ASP A 82 9.89 1.33 17.69
N TYR A 83 9.29 1.72 16.57
CA TYR A 83 9.80 2.86 15.81
C TYR A 83 9.00 4.13 16.00
N ALA A 84 7.94 4.08 16.79
CA ALA A 84 6.99 5.18 16.86
C ALA A 84 7.68 6.51 17.28
N ILE A 85 8.55 6.44 18.28
CA ILE A 85 9.31 7.62 18.73
C ILE A 85 10.52 7.94 17.84
N SER A 86 11.41 6.95 17.68
CA SER A 86 12.76 7.11 17.08
C SER A 86 12.78 7.03 15.54
N SER A 87 11.73 6.41 14.96
CA SER A 87 11.57 6.19 13.51
C SER A 87 12.29 4.95 12.97
N ILE A 88 13.02 4.29 13.86
CA ILE A 88 13.91 3.20 13.50
C ILE A 88 13.33 1.89 14.01
N PRO A 89 13.03 0.94 13.08
CA PRO A 89 12.37 -0.29 13.47
C PRO A 89 13.37 -1.32 13.93
N GLU A 90 13.73 -1.26 15.21
CA GLU A 90 14.88 -1.99 15.74
C GLU A 90 14.73 -3.52 15.67
N SER A 91 13.54 -4.03 15.98
CA SER A 91 13.31 -5.47 15.89
C SER A 91 13.46 -5.98 14.44
N GLU A 92 13.23 -5.13 13.44
CA GLU A 92 13.49 -5.50 12.07
C GLU A 92 15.01 -5.53 11.74
N LEU A 93 15.80 -4.74 12.45
CA LEU A 93 17.25 -4.69 12.20
C LEU A 93 18.02 -5.73 13.00
N ILE A 94 17.35 -6.40 13.94
CA ILE A 94 17.96 -7.53 14.64
C ILE A 94 18.44 -8.53 13.58
N TYR A 95 19.65 -9.04 13.74
CA TYR A 95 20.21 -9.96 12.75
C TYR A 95 19.38 -11.23 12.59
N LYS A 96 19.08 -11.58 11.35
CA LYS A 96 18.54 -12.90 10.99
C LYS A 96 19.11 -13.41 9.64
N ARG A 97 19.32 -14.72 9.56
CA ARG A 97 19.69 -15.37 8.31
C ARG A 97 18.62 -15.13 7.25
N LYS A 98 19.01 -15.04 5.99
CA LYS A 98 18.06 -14.86 4.91
C LYS A 98 17.09 -16.08 4.85
N SER A 99 17.57 -17.24 5.29
CA SER A 99 16.71 -18.42 5.39
C SER A 99 15.78 -18.47 6.62
N ASP A 100 16.05 -17.66 7.66
CA ASP A 100 15.18 -17.51 8.84
C ASP A 100 13.80 -16.90 8.48
N ILE A 101 12.75 -17.75 8.49
CA ILE A 101 11.37 -17.29 8.36
C ILE A 101 10.60 -17.70 9.61
N TYR A 102 9.97 -16.72 10.22
CA TYR A 102 9.27 -16.90 11.48
C TYR A 102 8.07 -17.86 11.37
N VAL A 103 7.99 -18.80 12.30
CA VAL A 103 6.86 -19.72 12.39
C VAL A 103 5.99 -19.31 13.58
N ASN A 104 4.85 -18.70 13.27
CA ASN A 104 3.87 -18.31 14.28
C ASN A 104 3.17 -19.47 14.93
N ASN A 105 2.96 -19.37 16.24
CA ASN A 105 2.16 -20.36 16.95
C ASN A 105 0.69 -19.93 16.94
N GLU A 106 -0.19 -20.79 17.46
N GLU A 106 -0.21 -20.80 17.44
CA GLU A 106 -1.65 -20.60 17.45
CA GLU A 106 -1.67 -20.58 17.44
C GLU A 106 -2.07 -19.25 18.05
C GLU A 106 -2.05 -19.22 18.03
N GLU A 107 -1.53 -18.95 19.22
CA GLU A 107 -1.79 -17.71 19.93
C GLU A 107 -1.34 -16.48 19.11
N GLU A 108 -0.16 -16.55 18.50
CA GLU A 108 0.29 -15.49 17.61
C GLU A 108 -0.56 -15.37 16.36
N ILE A 109 -0.93 -16.50 15.77
CA ILE A 109 -1.79 -16.51 14.60
C ILE A 109 -3.14 -15.81 14.86
N GLN A 110 -3.78 -16.17 15.98
CA GLN A 110 -5.05 -15.55 16.40
C GLN A 110 -4.91 -14.01 16.49
N ARG A 111 -3.83 -13.56 17.14
CA ARG A 111 -3.54 -12.13 17.21
C ARG A 111 -3.43 -11.48 15.82
N ILE A 112 -2.78 -12.16 14.88
CA ILE A 112 -2.62 -11.64 13.52
C ILE A 112 -3.92 -11.61 12.78
N ARG A 113 -4.69 -12.70 12.91
N ARG A 113 -4.72 -12.67 12.90
CA ARG A 113 -6.03 -12.79 12.36
CA ARG A 113 -6.01 -12.65 12.23
C ARG A 113 -6.86 -11.57 12.78
C ARG A 113 -6.93 -11.57 12.78
N GLU A 114 -6.79 -11.24 14.07
CA GLU A 114 -7.56 -10.12 14.65
C GLU A 114 -7.07 -8.77 14.14
N ALA A 115 -5.76 -8.61 13.97
CA ALA A 115 -5.25 -7.35 13.37
C ALA A 115 -5.69 -7.24 11.92
N CYS A 116 -5.73 -8.39 11.24
CA CYS A 116 -6.17 -8.43 9.82
C CYS A 116 -7.65 -8.10 9.65
N ILE A 117 -8.45 -8.58 10.60
N ILE A 117 -8.46 -8.57 10.59
CA ILE A 117 -9.87 -8.21 10.66
CA ILE A 117 -9.87 -8.22 10.66
C ILE A 117 -10.03 -6.70 10.80
C ILE A 117 -10.04 -6.71 10.82
N LEU A 118 -9.26 -6.10 11.71
CA LEU A 118 -9.28 -4.65 11.86
C LEU A 118 -8.71 -3.94 10.60
N GLY A 119 -7.69 -4.51 9.96
CA GLY A 119 -7.15 -3.90 8.74
C GLY A 119 -8.20 -3.86 7.64
N ARG A 120 -8.92 -4.95 7.52
CA ARG A 120 -10.04 -5.05 6.57
C ARG A 120 -11.14 -4.00 6.86
N LYS A 121 -11.56 -3.90 8.12
CA LYS A 121 -12.54 -2.87 8.53
C LYS A 121 -12.06 -1.48 8.17
N THR A 122 -10.76 -1.24 8.34
CA THR A 122 -10.20 0.11 8.10
C THR A 122 -10.14 0.41 6.60
N LEU A 123 -9.67 -0.57 5.81
CA LEU A 123 -9.65 -0.40 4.35
C LEU A 123 -11.07 -0.18 3.77
N ASP A 124 -12.04 -1.00 4.22
CA ASP A 124 -13.42 -0.90 3.79
C ASP A 124 -14.03 0.47 4.12
N TYR A 125 -13.70 0.97 5.31
CA TYR A 125 -14.11 2.31 5.71
C TYR A 125 -13.44 3.37 4.80
N ALA A 126 -12.13 3.24 4.51
CA ALA A 126 -11.45 4.24 3.65
C ALA A 126 -12.05 4.28 2.26
N HIS A 127 -12.38 3.09 1.76
CA HIS A 127 -13.00 2.89 0.47
C HIS A 127 -14.27 3.76 0.37
N THR A 128 -15.08 3.80 1.44
CA THR A 128 -16.32 4.59 1.43
C THR A 128 -16.05 6.10 1.32
N LEU A 129 -14.82 6.55 1.62
CA LEU A 129 -14.51 7.99 1.54
C LEU A 129 -14.09 8.49 0.18
N VAL A 130 -13.81 7.57 -0.74
CA VAL A 130 -13.30 7.92 -2.04
C VAL A 130 -14.40 8.57 -2.92
N SER A 131 -14.15 9.78 -3.44
CA SER A 131 -15.16 10.42 -4.24
C SER A 131 -14.49 11.64 -4.89
N PRO A 132 -14.95 12.07 -6.08
CA PRO A 132 -14.34 13.26 -6.63
C PRO A 132 -14.28 14.41 -5.63
N GLY A 133 -13.21 15.20 -5.70
CA GLY A 133 -13.10 16.42 -4.90
C GLY A 133 -12.48 16.19 -3.54
N VAL A 134 -12.52 14.94 -3.05
CA VAL A 134 -11.99 14.64 -1.72
C VAL A 134 -10.44 14.50 -1.80
N THR A 135 -9.73 15.13 -0.86
CA THR A 135 -8.25 15.08 -0.86
C THR A 135 -7.78 13.78 -0.21
N THR A 136 -6.59 13.34 -0.57
CA THR A 136 -6.04 12.12 0.06
C THR A 136 -5.70 12.35 1.53
N ASP A 137 -5.31 13.59 1.84
CA ASP A 137 -5.12 14.02 3.21
C ASP A 137 -6.40 13.90 4.04
N GLU A 138 -7.55 14.26 3.48
N GLU A 138 -7.55 14.25 3.49
CA GLU A 138 -8.84 14.06 4.19
CA GLU A 138 -8.84 14.07 4.22
C GLU A 138 -9.06 12.58 4.50
C GLU A 138 -9.03 12.58 4.52
N ILE A 139 -8.78 11.75 3.50
CA ILE A 139 -8.89 10.32 3.63
C ILE A 139 -7.92 9.78 4.71
N ASP A 140 -6.64 10.16 4.63
CA ASP A 140 -5.65 9.76 5.64
C ASP A 140 -6.10 10.16 7.04
N ARG A 141 -6.53 11.41 7.23
CA ARG A 141 -6.92 11.80 8.58
C ARG A 141 -8.08 10.96 9.15
N LYS A 142 -9.09 10.73 8.32
CA LYS A 142 -10.23 9.94 8.76
C LYS A 142 -9.85 8.48 9.03
N VAL A 143 -8.93 7.95 8.20
CA VAL A 143 -8.39 6.60 8.40
C VAL A 143 -7.63 6.53 9.73
N HIS A 144 -6.77 7.52 9.96
CA HIS A 144 -6.04 7.66 11.22
C HIS A 144 -6.97 7.63 12.44
N GLU A 145 -8.04 8.40 12.35
CA GLU A 145 -9.03 8.51 13.43
C GLU A 145 -9.72 7.15 13.68
N PHE A 146 -10.06 6.44 12.61
CA PHE A 146 -10.69 5.12 12.71
C PHE A 146 -9.77 4.11 13.40
N ILE A 147 -8.48 4.10 13.04
CA ILE A 147 -7.50 3.20 13.65
C ILE A 147 -7.34 3.50 15.13
N ILE A 148 -7.19 4.77 15.44
CA ILE A 148 -7.11 5.23 16.83
C ILE A 148 -8.37 4.88 17.65
N LYS A 149 -9.54 5.08 17.06
CA LYS A 149 -10.81 4.74 17.71
C LYS A 149 -10.85 3.26 18.11
N ASN A 150 -10.18 2.42 17.31
CA ASN A 150 -10.14 0.97 17.54
C ASN A 150 -8.96 0.51 18.39
N ASN A 151 -8.30 1.47 19.05
CA ASN A 151 -7.17 1.22 19.95
C ASN A 151 -5.93 0.63 19.26
N ALA A 152 -5.71 1.05 18.04
CA ALA A 152 -4.59 0.53 17.27
C ALA A 152 -3.69 1.66 16.82
N TYR A 153 -2.53 1.30 16.29
CA TYR A 153 -1.54 2.27 15.82
C TYR A 153 -1.41 2.14 14.28
N PRO A 154 -1.37 3.25 13.52
CA PRO A 154 -1.13 3.07 12.07
C PRO A 154 0.35 2.79 11.78
N SER A 155 0.60 1.58 11.30
CA SER A 155 1.96 1.07 11.16
C SER A 155 2.88 2.00 10.37
N THR A 156 2.34 2.68 9.36
CA THR A 156 3.19 3.52 8.54
C THR A 156 3.71 4.74 9.28
N LEU A 157 2.98 5.25 10.29
CA LEU A 157 3.28 6.53 10.94
C LEU A 157 4.67 6.54 11.61
N ASN A 158 5.54 7.39 11.08
CA ASN A 158 6.96 7.53 11.52
C ASN A 158 7.87 6.34 11.23
N TYR A 159 7.41 5.43 10.38
CA TYR A 159 8.24 4.32 9.98
C TYR A 159 9.24 4.88 8.99
N TYR A 160 10.51 4.91 9.39
CA TYR A 160 11.54 5.69 8.71
C TYR A 160 11.06 7.12 8.42
N LYS A 161 10.37 7.70 9.41
CA LYS A 161 9.83 9.08 9.31
C LYS A 161 8.71 9.32 8.27
N PHE A 162 8.14 8.25 7.73
CA PHE A 162 6.91 8.38 6.94
C PHE A 162 5.87 9.18 7.76
N PRO A 163 5.35 10.26 7.19
CA PRO A 163 4.63 11.24 8.00
C PRO A 163 3.11 11.00 8.16
N LYS A 164 2.55 10.04 7.43
CA LYS A 164 1.11 9.82 7.42
C LYS A 164 0.72 8.39 7.93
N SER A 165 -0.58 8.05 7.93
CA SER A 165 -1.05 6.76 8.55
C SER A 165 -1.55 5.70 7.54
N CYS A 166 -1.49 6.04 6.26
CA CYS A 166 -1.75 5.11 5.15
C CYS A 166 -0.98 5.66 3.94
N CYS A 167 -0.91 4.90 2.83
CA CYS A 167 -0.39 5.46 1.57
C CYS A 167 -1.47 5.54 0.49
N THR A 168 -1.46 6.61 -0.28
CA THR A 168 -2.47 6.82 -1.28
C THR A 168 -1.81 7.08 -2.63
N SER A 169 -1.98 6.15 -3.56
CA SER A 169 -1.22 6.17 -4.80
C SER A 169 -2.15 6.29 -6.02
N VAL A 170 -2.21 7.47 -6.60
CA VAL A 170 -3.14 7.79 -7.68
C VAL A 170 -2.50 7.63 -9.07
N ASN A 171 -3.19 6.95 -10.00
CA ASN A 171 -2.80 6.94 -11.42
C ASN A 171 -1.38 6.37 -11.63
N GLU A 172 -0.42 7.17 -12.09
CA GLU A 172 0.92 6.65 -12.34
C GLU A 172 1.75 6.42 -11.05
N ILE A 173 1.20 6.74 -9.89
CA ILE A 173 1.93 6.51 -8.67
C ILE A 173 1.87 5.01 -8.37
N VAL A 174 3.05 4.40 -8.32
CA VAL A 174 3.21 2.96 -8.15
C VAL A 174 2.90 2.51 -6.73
N CYS A 175 3.44 3.26 -5.78
CA CYS A 175 3.26 2.95 -4.35
C CYS A 175 3.79 4.06 -3.46
N HIS A 176 3.46 3.93 -2.17
CA HIS A 176 3.90 4.84 -1.10
C HIS A 176 3.59 6.33 -1.33
N GLY A 177 2.52 6.64 -2.06
CA GLY A 177 2.12 8.04 -2.27
C GLY A 177 1.77 8.66 -0.89
N ILE A 178 2.19 9.88 -0.65
CA ILE A 178 1.97 10.52 0.66
C ILE A 178 0.67 11.33 0.57
N PRO A 179 -0.33 11.03 1.43
CA PRO A 179 -1.64 11.74 1.39
C PRO A 179 -1.41 13.24 1.53
N ASP A 180 -2.01 14.04 0.65
CA ASP A 180 -1.74 15.46 0.60
C ASP A 180 -3.00 16.22 0.19
N TYR A 181 -2.87 17.51 -0.12
CA TYR A 181 -4.02 18.33 -0.43
C TYR A 181 -4.62 18.16 -1.83
N ARG A 182 -4.07 17.23 -2.65
CA ARG A 182 -4.56 17.03 -4.01
C ARG A 182 -5.97 16.44 -3.98
N PRO A 183 -6.94 17.13 -4.61
CA PRO A 183 -8.29 16.55 -4.64
C PRO A 183 -8.35 15.45 -5.70
N LEU A 184 -9.09 14.39 -5.41
CA LEU A 184 -9.30 13.34 -6.40
C LEU A 184 -10.19 13.80 -7.55
N LYS A 185 -9.90 13.30 -8.76
CA LYS A 185 -10.69 13.63 -9.93
C LYS A 185 -11.48 12.38 -10.32
N SER A 186 -12.69 12.59 -10.83
CA SER A 186 -13.46 11.49 -11.43
C SER A 186 -12.64 10.89 -12.59
N GLY A 187 -12.49 9.58 -12.59
CA GLY A 187 -11.69 8.90 -13.61
C GLY A 187 -10.31 8.45 -13.13
N ASP A 188 -9.92 8.88 -11.92
CA ASP A 188 -8.61 8.54 -11.34
C ASP A 188 -8.74 7.14 -10.81
N ILE A 189 -7.61 6.49 -10.58
CA ILE A 189 -7.58 5.24 -9.84
C ILE A 189 -6.70 5.54 -8.64
N ILE A 190 -7.03 4.96 -7.51
CA ILE A 190 -6.31 5.27 -6.29
C ILE A 190 -6.18 3.98 -5.52
N ASN A 191 -4.96 3.66 -5.17
CA ASN A 191 -4.68 2.57 -4.28
C ASN A 191 -4.62 3.17 -2.89
N ILE A 192 -5.28 2.52 -1.95
CA ILE A 192 -5.20 2.95 -0.58
C ILE A 192 -4.59 1.79 0.16
N ASP A 193 -3.48 2.06 0.86
CA ASP A 193 -2.65 1.01 1.46
C ASP A 193 -2.68 1.21 2.96
N ILE A 194 -3.17 0.19 3.65
CA ILE A 194 -3.54 0.26 5.02
C ILE A 194 -2.69 -0.72 5.79
N SER A 195 -2.18 -0.32 6.97
CA SER A 195 -1.55 -1.26 7.89
C SER A 195 -1.85 -0.82 9.29
N VAL A 196 -2.13 -1.76 10.16
CA VAL A 196 -2.51 -1.41 11.52
C VAL A 196 -1.69 -2.30 12.46
N PHE A 197 -1.32 -1.78 13.63
CA PHE A 197 -0.53 -2.50 14.65
C PHE A 197 -1.43 -2.64 15.86
N TYR A 198 -1.70 -3.88 16.26
CA TYR A 198 -2.78 -4.17 17.18
C TYR A 198 -2.47 -5.48 17.90
N LYS A 199 -2.56 -5.46 19.23
CA LYS A 199 -2.18 -6.61 20.04
C LYS A 199 -0.78 -7.15 19.69
N GLY A 200 0.19 -6.25 19.55
CA GLY A 200 1.56 -6.65 19.26
C GLY A 200 1.93 -7.12 17.85
N VAL A 201 1.02 -7.02 16.86
CA VAL A 201 1.32 -7.52 15.51
C VAL A 201 0.76 -6.58 14.42
N HIS A 202 1.26 -6.70 13.19
CA HIS A 202 0.84 -5.86 12.07
C HIS A 202 -0.03 -6.63 11.09
N SER A 203 -0.83 -5.86 10.35
CA SER A 203 -1.63 -6.36 9.27
C SER A 203 -1.35 -5.45 8.08
N ASP A 204 -1.38 -5.98 6.85
CA ASP A 204 -1.06 -5.17 5.68
C ASP A 204 -1.98 -5.58 4.54
N LEU A 205 -2.71 -4.63 3.98
CA LEU A 205 -3.59 -4.90 2.86
C LEU A 205 -3.75 -3.64 2.06
N ASN A 206 -4.19 -3.81 0.82
CA ASN A 206 -4.46 -2.66 -0.02
C ASN A 206 -5.32 -2.98 -1.23
N GLU A 207 -5.98 -1.98 -1.78
CA GLU A 207 -6.84 -2.21 -2.93
C GLU A 207 -6.75 -0.97 -3.77
N THR A 208 -7.04 -1.11 -5.07
CA THR A 208 -7.10 0.03 -6.00
C THR A 208 -8.55 0.26 -6.40
N TYR A 209 -8.98 1.53 -6.33
CA TYR A 209 -10.36 1.96 -6.54
C TYR A 209 -10.49 2.90 -7.75
N PHE A 210 -11.65 2.85 -8.41
CA PHE A 210 -12.01 3.84 -9.44
C PHE A 210 -12.71 5.03 -8.79
N VAL A 211 -12.25 6.26 -9.07
CA VAL A 211 -12.85 7.44 -8.42
C VAL A 211 -14.02 7.96 -9.26
N GLY A 212 -15.20 8.06 -8.65
CA GLY A 212 -16.33 8.69 -9.32
C GLY A 212 -16.94 7.83 -10.42
N ASP A 213 -17.24 8.45 -11.55
CA ASP A 213 -17.89 7.77 -12.66
C ASP A 213 -16.90 6.80 -13.28
N ILE A 214 -17.18 5.50 -13.17
CA ILE A 214 -16.33 4.46 -13.74
C ILE A 214 -16.05 4.74 -15.22
N ASN A 215 -17.02 5.30 -15.95
CA ASN A 215 -16.82 5.69 -17.36
C ASN A 215 -15.77 6.79 -17.59
N ASP A 216 -15.33 7.45 -16.52
CA ASP A 216 -14.28 8.45 -16.69
C ASP A 216 -12.91 7.79 -16.61
N VAL A 217 -12.84 6.55 -16.11
CA VAL A 217 -11.58 5.83 -16.04
C VAL A 217 -11.20 5.40 -17.45
N PRO A 218 -9.93 5.57 -17.83
CA PRO A 218 -9.46 5.06 -19.13
C PRO A 218 -9.68 3.56 -19.23
N LYS A 219 -10.09 3.06 -20.39
CA LYS A 219 -10.47 1.64 -20.48
C LYS A 219 -9.33 0.68 -20.10
N GLU A 220 -8.11 1.05 -20.50
N GLU A 220 -8.09 1.00 -20.50
CA GLU A 220 -6.91 0.31 -20.17
CA GLU A 220 -6.95 0.15 -20.09
C GLU A 220 -6.74 0.22 -18.64
C GLU A 220 -6.78 0.16 -18.57
N GLY A 221 -7.18 1.27 -17.95
CA GLY A 221 -7.10 1.36 -16.49
C GLY A 221 -8.06 0.38 -15.84
N LYS A 222 -9.24 0.21 -16.42
CA LYS A 222 -10.16 -0.76 -15.83
C LYS A 222 -9.60 -2.19 -15.94
N GLU A 223 -9.08 -2.49 -17.11
CA GLU A 223 -8.44 -3.80 -17.38
C GLU A 223 -7.22 -4.03 -16.49
N LEU A 224 -6.40 -2.99 -16.33
CA LEU A 224 -5.22 -3.02 -15.47
C LEU A 224 -5.57 -3.41 -14.05
N VAL A 225 -6.51 -2.70 -13.44
CA VAL A 225 -6.85 -2.90 -12.02
C VAL A 225 -7.41 -4.33 -11.85
N GLU A 226 -8.32 -4.70 -12.72
CA GLU A 226 -8.89 -6.06 -12.70
C GLU A 226 -7.84 -7.18 -12.95
N THR A 227 -6.98 -6.97 -13.93
CA THR A 227 -5.93 -7.98 -14.16
C THR A 227 -5.06 -8.17 -12.92
N CYS A 228 -4.68 -7.06 -12.29
CA CYS A 228 -3.84 -7.09 -11.09
C CYS A 228 -4.53 -7.88 -9.98
N TYR A 229 -5.80 -7.55 -9.73
CA TYR A 229 -6.58 -8.27 -8.73
C TYR A 229 -6.50 -9.80 -8.93
N PHE A 230 -6.84 -10.28 -10.13
CA PHE A 230 -6.81 -11.74 -10.35
C PHE A 230 -5.41 -12.34 -10.38
N SER A 231 -4.42 -11.55 -10.81
CA SER A 231 -3.03 -11.99 -10.72
C SER A 231 -2.77 -12.35 -9.24
N LEU A 232 -3.19 -11.47 -8.35
CA LEU A 232 -3.02 -11.74 -6.93
C LEU A 232 -3.82 -12.96 -6.47
N MET A 233 -5.11 -12.99 -6.78
CA MET A 233 -5.92 -14.11 -6.25
C MET A 233 -5.49 -15.45 -6.84
N GLU A 234 -5.11 -15.46 -8.11
CA GLU A 234 -4.66 -16.71 -8.76
C GLU A 234 -3.34 -17.23 -8.13
N ALA A 235 -2.46 -16.31 -7.72
CA ALA A 235 -1.19 -16.72 -7.10
C ALA A 235 -1.44 -17.25 -5.71
N ILE A 236 -2.31 -16.58 -4.95
CA ILE A 236 -2.67 -17.04 -3.61
C ILE A 236 -3.24 -18.47 -3.63
N LYS A 237 -4.13 -18.74 -4.60
CA LYS A 237 -4.75 -20.08 -4.69
C LYS A 237 -3.75 -21.25 -4.79
N LYS A 238 -2.55 -20.98 -5.30
CA LYS A 238 -1.53 -22.02 -5.40
C LYS A 238 -0.65 -22.20 -4.14
N CYS A 239 -0.69 -21.24 -3.22
CA CYS A 239 0.18 -21.25 -2.04
C CYS A 239 -0.14 -22.40 -1.08
N LYS A 240 0.85 -23.23 -0.81
CA LYS A 240 0.70 -24.30 0.20
C LYS A 240 2.08 -24.72 0.68
N PRO A 241 2.13 -25.53 1.77
CA PRO A 241 3.44 -25.97 2.23
C PRO A 241 4.24 -26.65 1.13
N GLY A 242 5.57 -26.50 1.13
CA GLY A 242 6.45 -27.07 0.08
C GLY A 242 6.67 -26.15 -1.13
N MET A 243 5.75 -25.25 -1.44
CA MET A 243 5.93 -24.29 -2.56
C MET A 243 7.04 -23.25 -2.31
N PHE A 244 7.83 -22.97 -3.34
CA PHE A 244 8.86 -21.96 -3.27
C PHE A 244 8.27 -20.55 -3.31
N TYR A 245 8.71 -19.69 -2.39
CA TYR A 245 8.32 -18.25 -2.48
C TYR A 245 8.64 -17.59 -3.83
N LYS A 246 9.73 -18.02 -4.47
CA LYS A 246 10.08 -17.54 -5.81
C LYS A 246 9.05 -17.86 -6.91
N ASN A 247 8.25 -18.90 -6.70
N ASN A 247 8.22 -18.87 -6.68
CA ASN A 247 7.22 -19.30 -7.67
CA ASN A 247 7.21 -19.29 -7.65
C ASN A 247 6.05 -18.30 -7.76
C ASN A 247 6.02 -18.31 -7.74
N ILE A 248 5.88 -17.46 -6.72
CA ILE A 248 4.80 -16.47 -6.71
C ILE A 248 4.98 -15.53 -7.88
N GLY A 249 6.21 -15.06 -8.06
CA GLY A 249 6.55 -14.16 -9.15
C GLY A 249 6.34 -14.83 -10.48
N THR A 250 6.61 -16.14 -10.55
CA THR A 250 6.42 -16.88 -11.81
C THR A 250 4.97 -16.82 -12.26
N LEU A 251 4.07 -17.07 -11.30
CA LEU A 251 2.61 -17.07 -11.50
C LEU A 251 2.11 -15.67 -11.84
N ILE A 252 2.47 -14.68 -11.04
CA ILE A 252 1.97 -13.32 -11.31
C ILE A 252 2.42 -12.78 -12.65
N ASP A 253 3.70 -12.95 -12.95
CA ASP A 253 4.28 -12.35 -14.17
C ASP A 253 3.60 -12.94 -15.42
N ALA A 254 3.41 -14.27 -15.39
CA ALA A 254 2.74 -14.97 -16.49
C ALA A 254 1.30 -14.49 -16.69
N TYR A 255 0.59 -14.28 -15.58
CA TYR A 255 -0.82 -13.87 -15.65
C TYR A 255 -0.96 -12.49 -16.33
N VAL A 256 -0.21 -11.50 -15.83
CA VAL A 256 -0.34 -10.13 -16.34
C VAL A 256 0.31 -9.95 -17.71
N SER A 257 1.36 -10.71 -18.02
CA SER A 257 1.97 -10.67 -19.37
C SER A 257 1.00 -11.03 -20.50
N LYS A 258 0.01 -11.88 -20.21
CA LYS A 258 -1.03 -12.21 -21.19
C LYS A 258 -1.83 -11.00 -21.62
N LYS A 259 -1.98 -10.03 -20.71
N LYS A 259 -1.99 -10.02 -20.73
CA LYS A 259 -2.72 -8.81 -21.00
CA LYS A 259 -2.73 -8.81 -21.10
C LYS A 259 -1.81 -7.65 -21.37
C LYS A 259 -1.80 -7.64 -21.36
N ASN A 260 -0.53 -7.94 -21.62
CA ASN A 260 0.46 -6.93 -22.01
C ASN A 260 0.66 -5.82 -20.94
N PHE A 261 0.61 -6.24 -19.68
CA PHE A 261 1.00 -5.33 -18.60
C PHE A 261 2.31 -5.83 -18.01
N SER A 262 3.00 -4.96 -17.27
CA SER A 262 4.33 -5.25 -16.74
C SER A 262 4.36 -5.26 -15.21
N VAL A 263 5.40 -5.88 -14.65
CA VAL A 263 5.53 -6.06 -13.21
C VAL A 263 6.64 -5.17 -12.66
N VAL A 264 6.26 -4.31 -11.70
CA VAL A 264 7.21 -3.48 -10.97
C VAL A 264 8.19 -4.37 -10.20
N ARG A 265 9.48 -4.05 -10.34
CA ARG A 265 10.58 -4.82 -9.76
C ARG A 265 11.14 -4.26 -8.45
N SER A 266 10.87 -2.97 -8.19
CA SER A 266 11.50 -2.24 -7.06
C SER A 266 10.96 -2.59 -5.66
N TYR A 267 9.78 -3.21 -5.59
CA TYR A 267 9.14 -3.52 -4.32
C TYR A 267 8.66 -4.95 -4.34
N SER A 268 8.54 -5.52 -3.15
CA SER A 268 8.24 -6.94 -2.97
C SER A 268 7.32 -7.16 -1.79
N GLY A 269 6.66 -8.33 -1.76
CA GLY A 269 5.96 -8.76 -0.58
C GLY A 269 6.98 -9.15 0.47
N HIS A 270 6.52 -9.40 1.70
CA HIS A 270 7.41 -9.53 2.87
C HIS A 270 6.68 -10.32 3.93
N GLY A 271 7.42 -11.04 4.77
CA GLY A 271 6.88 -11.50 6.05
C GLY A 271 6.25 -10.31 6.78
N VAL A 272 5.22 -10.61 7.56
CA VAL A 272 4.53 -9.61 8.37
C VAL A 272 3.97 -10.31 9.61
N GLY A 273 3.84 -9.58 10.71
CA GLY A 273 3.41 -10.24 11.94
C GLY A 273 3.95 -9.45 13.10
N LYS A 274 4.75 -10.09 13.95
CA LYS A 274 5.44 -9.36 15.01
C LYS A 274 6.26 -8.17 14.50
N LEU A 275 6.84 -8.35 13.31
CA LEU A 275 7.61 -7.35 12.58
C LEU A 275 6.76 -6.79 11.44
N PHE A 276 6.86 -5.49 11.17
CA PHE A 276 6.12 -4.91 10.05
C PHE A 276 6.59 -5.56 8.75
N HIS A 277 7.90 -5.65 8.59
CA HIS A 277 8.52 -6.28 7.42
C HIS A 277 9.58 -7.27 7.88
N SER A 278 9.43 -8.54 7.49
N SER A 278 9.44 -8.52 7.45
CA SER A 278 10.41 -9.58 7.81
CA SER A 278 10.35 -9.60 7.84
C SER A 278 10.56 -10.52 6.63
C SER A 278 10.54 -10.54 6.64
N ASN A 279 11.32 -11.60 6.81
CA ASN A 279 11.51 -12.59 5.76
C ASN A 279 10.21 -13.38 5.53
N PRO A 280 10.03 -13.91 4.32
CA PRO A 280 10.93 -13.83 3.17
C PRO A 280 10.60 -12.60 2.36
N THR A 281 11.52 -12.17 1.51
CA THR A 281 11.22 -11.21 0.46
C THR A 281 10.53 -11.91 -0.73
N VAL A 282 9.41 -11.35 -1.20
CA VAL A 282 8.59 -11.97 -2.24
C VAL A 282 8.44 -11.10 -3.50
N PRO A 283 9.33 -11.27 -4.48
CA PRO A 283 9.18 -10.50 -5.71
C PRO A 283 7.95 -11.00 -6.53
N HIS A 284 7.41 -10.13 -7.38
CA HIS A 284 6.21 -10.47 -8.15
C HIS A 284 6.51 -10.77 -9.63
N PHE A 285 7.79 -10.65 -9.99
CA PHE A 285 8.28 -10.93 -11.34
C PHE A 285 8.94 -12.33 -11.46
N LYS A 286 9.02 -12.81 -12.69
CA LYS A 286 9.56 -14.13 -12.98
C LYS A 286 11.07 -14.19 -12.87
N LYS A 287 11.58 -15.42 -12.68
CA LYS A 287 13.02 -15.69 -12.61
C LYS A 287 13.65 -14.79 -11.55
N ASN A 288 13.09 -14.85 -10.33
CA ASN A 288 13.62 -14.12 -9.19
C ASN A 288 14.41 -15.07 -8.28
N LYS A 289 15.16 -14.53 -7.33
CA LYS A 289 15.98 -15.36 -6.48
C LYS A 289 15.44 -15.42 -5.05
N ALA A 290 14.11 -15.29 -4.89
CA ALA A 290 13.52 -15.30 -3.54
C ALA A 290 13.93 -16.58 -2.79
N VAL A 291 14.25 -16.44 -1.51
CA VAL A 291 14.74 -17.53 -0.69
C VAL A 291 13.59 -18.07 0.15
N GLY A 292 13.45 -19.39 0.23
CA GLY A 292 12.50 -19.98 1.19
C GLY A 292 11.43 -20.86 0.57
N ILE A 293 10.95 -21.82 1.36
CA ILE A 293 9.76 -22.61 1.03
C ILE A 293 8.66 -22.32 2.07
N MET A 294 7.42 -22.40 1.63
CA MET A 294 6.26 -22.12 2.45
C MET A 294 6.07 -23.22 3.48
N LYS A 295 5.85 -22.86 4.74
CA LYS A 295 5.62 -23.85 5.82
C LYS A 295 4.43 -23.38 6.66
N PRO A 296 3.70 -24.32 7.32
CA PRO A 296 2.63 -23.88 8.21
C PRO A 296 3.08 -22.85 9.29
N GLY A 297 2.31 -21.78 9.47
CA GLY A 297 2.68 -20.78 10.49
C GLY A 297 3.34 -19.54 9.91
N HIS A 298 3.78 -19.64 8.65
CA HIS A 298 4.32 -18.47 7.92
C HIS A 298 3.24 -17.44 7.60
N VAL A 299 3.49 -16.15 7.89
CA VAL A 299 2.56 -15.06 7.56
C VAL A 299 3.32 -14.03 6.74
N PHE A 300 2.81 -13.69 5.57
CA PHE A 300 3.52 -12.83 4.64
C PHE A 300 2.53 -12.22 3.66
N THR A 301 2.99 -11.27 2.86
CA THR A 301 2.14 -10.55 1.95
C THR A 301 2.53 -10.85 0.50
N ILE A 302 1.55 -10.71 -0.39
CA ILE A 302 1.77 -10.71 -1.83
C ILE A 302 1.07 -9.46 -2.25
N GLU A 303 1.73 -8.63 -3.06
CA GLU A 303 1.31 -7.27 -3.26
C GLU A 303 1.75 -6.71 -4.59
N PRO A 304 1.35 -7.38 -5.67
CA PRO A 304 1.91 -7.09 -6.99
C PRO A 304 1.52 -5.68 -7.39
N MET A 305 2.49 -4.91 -7.88
CA MET A 305 2.22 -3.59 -8.47
C MET A 305 2.45 -3.81 -9.95
N ILE A 306 1.45 -3.51 -10.77
CA ILE A 306 1.45 -3.86 -12.20
C ILE A 306 1.26 -2.58 -12.98
N ASN A 307 2.03 -2.40 -14.05
CA ASN A 307 1.99 -1.17 -14.83
C ASN A 307 1.30 -1.32 -16.22
N GLN A 308 0.68 -0.23 -16.66
CA GLN A 308 0.06 -0.16 -17.99
C GLN A 308 1.12 -0.28 -19.07
N GLY A 309 2.24 0.47 -18.94
CA GLY A 309 3.33 0.42 -19.90
C GLY A 309 4.57 -0.27 -19.37
N HIS A 310 5.66 0.50 -19.29
CA HIS A 310 6.98 -0.06 -18.96
C HIS A 310 7.04 -0.41 -17.46
N TYR A 311 7.85 -1.41 -17.15
CA TYR A 311 8.01 -1.88 -15.79
C TYR A 311 8.67 -0.86 -14.84
N SER A 312 9.50 0.05 -15.40
CA SER A 312 10.40 0.86 -14.60
C SER A 312 9.68 1.97 -13.84
N ASP A 313 10.19 2.23 -12.64
CA ASP A 313 9.68 3.30 -11.77
C ASP A 313 10.79 4.28 -11.39
N VAL A 314 10.41 5.51 -11.07
N VAL A 314 10.39 5.49 -11.04
CA VAL A 314 11.34 6.48 -10.51
CA VAL A 314 11.29 6.52 -10.53
C VAL A 314 10.93 6.85 -9.09
C VAL A 314 10.91 6.82 -9.07
N LEU A 315 11.90 7.01 -8.20
CA LEU A 315 11.61 7.42 -6.83
C LEU A 315 11.57 8.96 -6.77
N TRP A 316 10.45 9.54 -6.32
CA TRP A 316 10.36 11.01 -6.03
C TRP A 316 11.37 11.51 -5.00
N PRO A 317 11.72 12.81 -5.10
CA PRO A 317 12.64 13.35 -4.10
C PRO A 317 12.13 13.39 -2.63
N ASP A 318 10.85 13.11 -2.36
CA ASP A 318 10.42 12.89 -0.95
C ASP A 318 10.96 11.59 -0.34
N GLN A 319 11.70 10.83 -1.15
CA GLN A 319 12.26 9.52 -0.74
C GLN A 319 11.25 8.39 -0.56
N TRP A 320 9.99 8.63 -0.92
CA TRP A 320 8.93 7.63 -0.71
C TRP A 320 8.08 7.39 -1.96
N THR A 321 7.54 8.46 -2.54
CA THR A 321 6.61 8.27 -3.64
C THR A 321 7.37 7.66 -4.85
N SER A 322 6.85 6.55 -5.38
N SER A 322 6.86 6.55 -5.38
CA SER A 322 7.38 5.95 -6.60
CA SER A 322 7.35 5.94 -6.62
C SER A 322 6.38 6.21 -7.76
C SER A 322 6.38 6.22 -7.75
N ALA A 323 6.88 6.59 -8.92
CA ALA A 323 6.00 6.80 -10.11
C ALA A 323 6.49 5.98 -11.32
N THR A 324 5.62 5.67 -12.25
CA THR A 324 6.06 4.95 -13.43
C THR A 324 6.93 5.89 -14.21
N SER A 325 8.00 5.35 -14.80
N SER A 325 8.00 5.35 -14.80
CA SER A 325 8.92 6.19 -15.57
CA SER A 325 8.92 6.18 -15.59
C SER A 325 8.24 6.78 -16.80
C SER A 325 8.26 6.77 -16.83
N ASP A 326 7.26 6.06 -17.38
CA ASP A 326 6.54 6.55 -18.62
C ASP A 326 5.23 7.37 -18.33
N GLY A 327 4.85 7.40 -17.07
CA GLY A 327 3.70 8.20 -16.64
C GLY A 327 2.37 7.50 -16.86
N LYS A 328 2.42 6.24 -17.29
CA LYS A 328 1.20 5.44 -17.41
C LYS A 328 0.72 4.88 -16.08
N LEU A 329 -0.47 4.27 -16.09
CA LEU A 329 -1.16 3.88 -14.87
C LEU A 329 -0.51 2.68 -14.22
N SER A 330 -0.68 2.57 -12.94
CA SER A 330 -0.14 1.47 -12.17
C SER A 330 -1.24 1.04 -11.24
N ALA A 331 -1.30 -0.24 -10.86
CA ALA A 331 -2.34 -0.69 -9.98
C ALA A 331 -1.78 -1.75 -9.05
N GLN A 332 -2.27 -1.77 -7.81
CA GLN A 332 -1.80 -2.74 -6.81
C GLN A 332 -2.93 -3.39 -5.97
N PHE A 333 -2.75 -4.64 -5.59
CA PHE A 333 -3.59 -5.22 -4.56
C PHE A 333 -2.71 -6.00 -3.58
N GLU A 334 -3.12 -6.10 -2.34
CA GLU A 334 -2.30 -6.79 -1.35
C GLU A 334 -3.14 -7.51 -0.31
N HIS A 335 -2.74 -8.75 0.01
CA HIS A 335 -3.27 -9.49 1.13
C HIS A 335 -2.19 -9.96 2.08
N THR A 336 -2.58 -10.18 3.33
CA THR A 336 -1.75 -10.83 4.34
C THR A 336 -2.26 -12.25 4.43
N LEU A 337 -1.33 -13.20 4.31
CA LEU A 337 -1.60 -14.64 4.16
C LEU A 337 -1.02 -15.48 5.27
N LEU A 338 -1.70 -16.57 5.55
CA LEU A 338 -1.27 -17.56 6.50
C LEU A 338 -1.20 -18.95 5.83
N ILE A 339 -0.03 -19.55 5.77
CA ILE A 339 0.11 -20.93 5.28
C ILE A 339 -0.46 -21.84 6.36
N THR A 340 -1.35 -22.75 5.99
CA THR A 340 -2.01 -23.68 6.93
C THR A 340 -1.47 -25.08 6.66
N ASN A 341 -1.86 -26.05 7.49
CA ASN A 341 -1.40 -27.42 7.31
C ASN A 341 -1.46 -27.94 5.88
N ASN A 342 -2.49 -27.54 5.12
CA ASN A 342 -2.65 -28.01 3.74
C ASN A 342 -2.92 -26.96 2.65
N GLY A 343 -2.69 -25.67 2.94
CA GLY A 343 -2.96 -24.68 1.92
C GLY A 343 -2.64 -23.28 2.41
N VAL A 344 -3.59 -22.36 2.22
CA VAL A 344 -3.40 -20.98 2.65
C VAL A 344 -4.72 -20.44 3.17
N GLU A 345 -4.68 -19.45 4.05
CA GLU A 345 -5.86 -18.71 4.47
C GLU A 345 -5.57 -17.24 4.29
N ILE A 346 -6.56 -16.50 3.76
CA ILE A 346 -6.38 -15.10 3.41
C ILE A 346 -6.94 -14.27 4.55
N LEU A 347 -6.04 -13.79 5.40
CA LEU A 347 -6.44 -13.13 6.63
C LEU A 347 -7.14 -11.80 6.37
N THR A 348 -6.72 -11.11 5.33
CA THR A 348 -7.32 -9.82 5.01
C THR A 348 -8.47 -9.93 3.98
N LYS A 349 -9.12 -11.08 3.94
CA LYS A 349 -10.22 -11.27 2.97
C LYS A 349 -11.30 -10.19 3.03
N ARG A 350 -11.87 -9.90 1.87
CA ARG A 350 -13.04 -9.10 1.78
C ARG A 350 -14.22 -9.78 2.51
N THR A 351 -15.18 -8.98 2.95
CA THR A 351 -16.35 -9.52 3.68
C THR A 351 -17.65 -8.97 3.04
N GLN A 352 -18.80 -9.35 3.59
CA GLN A 352 -20.06 -8.74 3.17
C GLN A 352 -20.12 -7.21 3.36
N ASP A 353 -19.33 -6.65 4.27
CA ASP A 353 -19.31 -5.19 4.46
C ASP A 353 -18.35 -4.45 3.50
N SER A 354 -17.62 -5.20 2.66
CA SER A 354 -16.70 -4.58 1.71
C SER A 354 -17.42 -3.92 0.52
N PRO A 355 -17.21 -2.61 0.34
CA PRO A 355 -17.74 -1.93 -0.84
C PRO A 355 -17.20 -2.51 -2.19
N PRO A 356 -17.93 -2.28 -3.31
CA PRO A 356 -17.58 -2.96 -4.57
C PRO A 356 -16.28 -2.49 -5.20
N LEU A 357 -15.63 -3.35 -6.00
CA LEU A 357 -14.42 -2.97 -6.73
C LEU A 357 -14.68 -2.55 -8.19
N GLY A 358 -15.94 -2.58 -8.64
CA GLY A 358 -16.26 -2.20 -10.03
C GLY A 358 -16.16 -3.30 -11.09
N PHE A 359 -15.90 -4.52 -10.65
CA PHE A 359 -15.89 -5.72 -11.48
C PHE A 359 -16.22 -6.91 -10.58
N ASP A 360 -16.62 -7.99 -11.20
CA ASP A 360 -16.99 -9.20 -10.49
C ASP A 360 -15.69 -9.82 -9.96
N THR A 361 -15.53 -9.89 -8.64
CA THR A 361 -14.33 -10.47 -8.02
C THR A 361 -14.32 -12.01 -7.97
N LYS A 362 -15.42 -12.65 -8.37
CA LYS A 362 -15.51 -14.13 -8.49
C LYS A 362 -15.06 -14.86 -7.25
N ASP A 363 -15.56 -14.39 -6.11
CA ASP A 363 -15.20 -14.94 -4.82
C ASP A 363 -15.37 -16.46 -4.79
N GLU A 364 -16.26 -16.99 -5.61
CA GLU A 364 -16.55 -18.42 -5.61
C GLU A 364 -15.33 -19.26 -6.02
N LEU A 365 -14.43 -18.64 -6.77
CA LEU A 365 -13.19 -19.29 -7.21
C LEU A 365 -12.17 -19.49 -6.06
N TYR A 366 -12.27 -18.63 -5.02
CA TYR A 366 -11.24 -18.55 -3.96
C TYR A 366 -11.61 -18.95 -2.55
N TYR A 367 -12.91 -19.10 -2.25
CA TYR A 367 -13.34 -19.40 -0.88
C TYR A 367 -14.28 -20.60 -0.77
C1 GOL B . -9.43 -15.86 -13.33
O1 GOL B . -8.15 -15.76 -13.92
C2 GOL B . -10.40 -15.48 -14.43
O2 GOL B . -11.65 -16.00 -14.10
C3 GOL B . -10.42 -13.95 -14.62
O3 GOL B . -11.57 -13.34 -14.10
FE FE C . 3.36 -4.45 2.20
C1 GOL D . -15.42 -3.57 6.99
O1 GOL D . -15.48 -4.97 7.14
C2 GOL D . -16.49 -2.77 7.75
O2 GOL D . -17.33 -2.14 6.80
C3 GOL D . -15.88 -1.70 8.68
O3 GOL D . -15.60 -0.44 8.06
#